data_8JE4
#
_entry.id   8JE4
#
_cell.length_a   88.980
_cell.length_b   47.880
_cell.length_c   89.460
_cell.angle_alpha   90.000
_cell.angle_beta   117.656
_cell.angle_gamma   90.000
#
_symmetry.space_group_name_H-M   'P 1 21 1'
#
loop_
_entity.id
_entity.type
_entity.pdbx_description
1 polymer 'prenyltransferase, LimF'
2 non-polymer 'MAGNESIUM ION'
3 non-polymer 'TRIHYDROGEN THIODIPHOSPHATE'
4 water water
#
_entity_poly.entity_id   1
_entity_poly.type   'polypeptide(L)'
_entity_poly.pdbx_seq_one_letter_code
;MKKRKSSKVFKSTIAPEEKLRYIGNHKQAFDIEPLYPLALFEEFVATTGDCIIECSGKIKQDQLYPARIDLQFSDKHHFH
NIHTSIDFLKRAASRTDVNLNLDILATFLAGNFDYSKVQNILAGIDLRQNLGESKLKLFIRIGDYPAKMAVAKHLCNITP
ESEAMLRSDTLHIGFDFYLDGRSAIELYPELKKDEFNHPFIYNQLKTILSPEALKPLPLCNLFGIGLSPANEANVLYYGL
ENIEDFLSYFPINDTARRVHDFYLQQEGSRRMTVALSESEMKAGRINNVNLYYSKAFTSQNP
;
_entity_poly.pdbx_strand_id   A,B
#
# COMPACT_ATOMS: atom_id res chain seq x y z
N SER A 7 17.87 -12.02 26.06
CA SER A 7 16.83 -11.42 25.25
C SER A 7 15.44 -11.77 25.78
N LYS A 8 14.84 -12.81 25.20
CA LYS A 8 13.49 -13.22 25.60
C LYS A 8 13.52 -13.79 27.02
N VAL A 9 12.32 -13.95 27.58
CA VAL A 9 12.18 -14.55 28.91
C VAL A 9 11.33 -15.80 28.78
N PHE A 10 10.33 -15.74 27.90
CA PHE A 10 9.44 -16.85 27.63
C PHE A 10 9.90 -17.57 26.37
N LYS A 11 10.08 -18.88 26.47
CA LYS A 11 10.62 -19.70 25.38
C LYS A 11 9.49 -20.56 24.82
N SER A 12 9.09 -20.27 23.59
CA SER A 12 8.12 -21.05 22.84
C SER A 12 8.83 -21.92 21.81
N THR A 13 8.12 -22.94 21.33
CA THR A 13 8.57 -23.67 20.16
C THR A 13 8.17 -22.97 18.86
N ILE A 14 7.28 -21.99 18.93
CA ILE A 14 6.83 -21.25 17.78
C ILE A 14 7.67 -19.99 17.65
N ALA A 15 8.43 -19.89 16.56
CA ALA A 15 9.12 -18.65 16.29
C ALA A 15 8.15 -17.63 15.69
N PRO A 16 8.34 -16.34 15.98
CA PRO A 16 7.50 -15.32 15.33
C PRO A 16 7.61 -15.35 13.81
N GLU A 17 8.72 -15.84 13.27
CA GLU A 17 8.86 -15.94 11.83
C GLU A 17 7.85 -16.92 11.23
N GLU A 18 7.44 -17.93 12.00
CA GLU A 18 6.47 -18.89 11.51
C GLU A 18 5.12 -18.24 11.24
N LYS A 19 4.69 -17.35 12.15
CA LYS A 19 3.42 -16.66 11.97
C LYS A 19 3.46 -15.70 10.79
N LEU A 20 4.54 -14.93 10.66
CA LEU A 20 4.64 -13.99 9.55
C LEU A 20 4.84 -14.69 8.22
N ARG A 21 5.42 -15.89 8.23
CA ARG A 21 5.56 -16.65 6.99
C ARG A 21 4.19 -17.10 6.48
N TYR A 22 3.33 -17.57 7.37
CA TYR A 22 1.97 -17.93 6.99
C TYR A 22 1.22 -16.73 6.42
N ILE A 23 1.38 -15.56 7.05
CA ILE A 23 0.82 -14.34 6.50
C ILE A 23 1.50 -13.98 5.18
N GLY A 24 2.82 -14.19 5.12
CA GLY A 24 3.55 -13.87 3.90
C GLY A 24 3.17 -14.74 2.73
N ASN A 25 2.90 -16.02 2.98
CA ASN A 25 2.39 -16.90 1.93
C ASN A 25 1.08 -16.37 1.37
N HIS A 26 0.21 -15.83 2.24
CA HIS A 26 -1.03 -15.23 1.77
C HIS A 26 -0.77 -13.99 0.94
N LYS A 27 0.16 -13.14 1.37
CA LYS A 27 0.46 -11.92 0.63
C LYS A 27 1.07 -12.23 -0.73
N GLN A 28 1.88 -13.28 -0.81
CA GLN A 28 2.51 -13.63 -2.09
C GLN A 28 1.51 -14.21 -3.07
N ALA A 29 0.59 -15.05 -2.57
CA ALA A 29 -0.33 -15.75 -3.46
C ALA A 29 -1.28 -14.78 -4.15
N PHE A 30 -1.69 -13.72 -3.45
CA PHE A 30 -2.73 -12.83 -3.94
C PHE A 30 -2.24 -11.39 -4.10
N ASP A 31 -0.92 -11.20 -4.21
CA ASP A 31 -0.32 -9.92 -4.61
C ASP A 31 -0.73 -8.78 -3.68
N ILE A 32 -0.61 -9.02 -2.38
CA ILE A 32 -0.95 -8.01 -1.39
C ILE A 32 0.26 -7.11 -1.17
N GLU A 33 0.21 -5.90 -1.69
CA GLU A 33 1.24 -4.91 -1.44
C GLU A 33 0.96 -4.19 -0.13
N PRO A 34 1.95 -3.48 0.43
CA PRO A 34 1.74 -2.83 1.73
C PRO A 34 0.56 -1.87 1.72
N LEU A 35 -0.43 -2.16 2.57
CA LEU A 35 -1.56 -1.28 2.83
C LEU A 35 -1.58 -0.96 4.31
N TYR A 36 -1.84 0.30 4.64
CA TYR A 36 -1.87 0.69 6.04
C TYR A 36 -3.09 0.08 6.74
N PRO A 37 -2.93 -0.48 7.95
CA PRO A 37 -1.67 -0.62 8.68
C PRO A 37 -1.18 -2.08 8.74
N LEU A 38 -0.89 -2.67 7.58
CA LEU A 38 -0.51 -4.08 7.55
C LEU A 38 0.78 -4.33 8.32
N ALA A 39 1.78 -3.46 8.14
CA ALA A 39 3.03 -3.61 8.85
C ALA A 39 2.82 -3.57 10.36
N LEU A 40 1.99 -2.64 10.83
CA LEU A 40 1.72 -2.55 12.27
C LEU A 40 1.02 -3.80 12.78
N PHE A 41 0.11 -4.35 11.97
CA PHE A 41 -0.60 -5.56 12.38
C PHE A 41 0.35 -6.75 12.46
N GLU A 42 1.34 -6.82 11.56
CA GLU A 42 2.22 -7.99 11.53
C GLU A 42 3.20 -7.97 12.71
N GLU A 43 3.72 -6.80 13.06
CA GLU A 43 4.55 -6.74 14.25
C GLU A 43 3.74 -6.90 15.54
N PHE A 44 2.43 -6.63 15.47
CA PHE A 44 1.55 -6.99 16.59
C PHE A 44 1.37 -8.51 16.65
N VAL A 45 1.29 -9.17 15.50
CA VAL A 45 1.17 -10.62 15.47
C VAL A 45 2.41 -11.27 16.06
N ALA A 46 3.59 -10.70 15.79
CA ALA A 46 4.83 -11.26 16.29
C ALA A 46 4.94 -11.18 17.81
N THR A 47 4.16 -10.31 18.45
CA THR A 47 4.21 -10.19 19.91
C THR A 47 3.30 -11.19 20.60
N THR A 48 2.47 -11.93 19.86
CA THR A 48 1.45 -12.76 20.48
C THR A 48 2.02 -14.10 20.93
N GLY A 49 1.34 -14.72 21.88
CA GLY A 49 1.68 -16.06 22.31
C GLY A 49 0.98 -17.11 21.47
N ASP A 50 0.47 -18.16 22.12
CA ASP A 50 -0.29 -19.17 21.41
C ASP A 50 -1.50 -18.55 20.74
N CYS A 51 -1.72 -18.90 19.48
CA CYS A 51 -2.79 -18.26 18.71
C CYS A 51 -3.11 -19.10 17.48
N ILE A 52 -4.26 -18.78 16.88
CA ILE A 52 -4.63 -19.28 15.57
C ILE A 52 -4.75 -18.08 14.63
N ILE A 53 -4.16 -18.20 13.44
CA ILE A 53 -4.20 -17.14 12.43
C ILE A 53 -5.11 -17.58 11.30
N GLU A 54 -6.10 -16.75 10.98
CA GLU A 54 -7.04 -17.01 9.89
C GLU A 54 -6.76 -16.05 8.75
N CYS A 55 -6.47 -16.59 7.58
CA CYS A 55 -6.36 -15.80 6.37
C CYS A 55 -7.63 -15.97 5.54
N SER A 56 -8.05 -14.87 4.89
CA SER A 56 -9.37 -14.86 4.29
C SER A 56 -9.34 -14.12 2.96
N GLY A 57 -10.35 -14.42 2.14
CA GLY A 57 -10.57 -13.68 0.91
C GLY A 57 -12.04 -13.36 0.75
N LYS A 58 -12.33 -12.12 0.39
CA LYS A 58 -13.68 -11.66 0.10
C LYS A 58 -13.82 -11.47 -1.39
N ILE A 59 -14.76 -12.17 -2.01
CA ILE A 59 -14.96 -12.16 -3.44
C ILE A 59 -16.30 -11.50 -3.75
N LYS A 60 -16.28 -10.51 -4.63
CA LYS A 60 -17.48 -9.84 -5.12
C LYS A 60 -17.40 -9.82 -6.64
N GLN A 61 -18.11 -10.75 -7.27
CA GLN A 61 -18.06 -10.96 -8.73
C GLN A 61 -16.62 -11.29 -9.10
N ASP A 62 -15.98 -10.54 -10.00
CA ASP A 62 -14.60 -10.81 -10.39
C ASP A 62 -13.59 -10.03 -9.54
N GLN A 63 -14.03 -9.39 -8.46
CA GLN A 63 -13.15 -8.65 -7.57
C GLN A 63 -12.78 -9.49 -6.36
N LEU A 64 -11.50 -9.43 -5.98
CA LEU A 64 -10.97 -10.16 -4.85
C LEU A 64 -10.35 -9.19 -3.86
N TYR A 65 -10.76 -9.28 -2.60
CA TYR A 65 -10.19 -8.46 -1.52
C TYR A 65 -9.52 -9.38 -0.52
N PRO A 66 -8.19 -9.57 -0.62
CA PRO A 66 -7.54 -10.66 0.11
C PRO A 66 -6.79 -10.21 1.37
N ALA A 67 -6.72 -8.90 1.61
CA ALA A 67 -5.98 -8.36 2.75
C ALA A 67 -6.81 -8.47 4.03
N ARG A 68 -7.25 -9.70 4.31
CA ARG A 68 -8.12 -10.01 5.43
C ARG A 68 -7.44 -11.08 6.29
N ILE A 69 -7.06 -10.70 7.50
CA ILE A 69 -6.36 -11.59 8.43
C ILE A 69 -6.95 -11.39 9.81
N ASP A 70 -7.18 -12.50 10.52
CA ASP A 70 -7.65 -12.48 11.90
C ASP A 70 -6.75 -13.36 12.76
N LEU A 71 -6.51 -12.91 13.99
CA LEU A 71 -5.70 -13.66 14.94
C LEU A 71 -6.56 -13.98 16.16
N GLN A 72 -6.72 -15.26 16.48
CA GLN A 72 -7.45 -15.70 17.64
C GLN A 72 -6.47 -16.11 18.74
N PHE A 73 -6.58 -15.48 19.90
CA PHE A 73 -5.71 -15.83 21.02
C PHE A 73 -6.07 -17.20 21.57
N SER A 74 -5.05 -18.01 21.84
CA SER A 74 -5.24 -19.39 22.27
C SER A 74 -4.90 -19.60 23.74
N ASP A 75 -5.02 -18.56 24.56
CA ASP A 75 -4.88 -18.69 26.00
C ASP A 75 -6.04 -17.97 26.67
N LYS A 76 -6.03 -18.00 28.01
CA LYS A 76 -7.14 -17.51 28.82
C LYS A 76 -6.85 -16.16 29.45
N HIS A 77 -5.81 -15.46 29.00
CA HIS A 77 -5.47 -14.13 29.52
C HIS A 77 -6.30 -13.09 28.78
N HIS A 78 -7.57 -13.00 29.18
CA HIS A 78 -8.53 -12.20 28.42
C HIS A 78 -8.27 -10.69 28.56
N PHE A 79 -7.91 -10.24 29.76
CA PHE A 79 -7.63 -8.82 29.95
C PHE A 79 -6.42 -8.40 29.12
N HIS A 80 -5.34 -9.18 29.18
CA HIS A 80 -4.12 -8.81 28.45
C HIS A 80 -4.35 -8.82 26.95
N ASN A 81 -5.08 -9.81 26.44
CA ASN A 81 -5.28 -9.94 25.00
C ASN A 81 -6.19 -8.84 24.47
N ILE A 82 -7.21 -8.47 25.25
CA ILE A 82 -8.05 -7.32 24.88
C ILE A 82 -7.24 -6.04 24.95
N HIS A 83 -6.37 -5.93 25.95
CA HIS A 83 -5.58 -4.71 26.13
C HIS A 83 -4.59 -4.52 24.98
N THR A 84 -3.94 -5.60 24.56
CA THR A 84 -2.96 -5.48 23.48
C THR A 84 -3.62 -5.26 22.13
N SER A 85 -4.81 -5.83 21.93
CA SER A 85 -5.54 -5.59 20.68
C SER A 85 -5.95 -4.13 20.58
N ILE A 86 -6.39 -3.53 21.69
CA ILE A 86 -6.80 -2.13 21.68
C ILE A 86 -5.60 -1.22 21.46
N ASP A 87 -4.44 -1.59 22.01
CA ASP A 87 -3.21 -0.85 21.74
C ASP A 87 -2.92 -0.82 20.24
N PHE A 88 -3.16 -1.93 19.55
CA PHE A 88 -3.02 -1.94 18.09
C PHE A 88 -4.03 -1.01 17.43
N LEU A 89 -5.25 -0.98 17.96
CA LEU A 89 -6.25 -0.05 17.43
C LEU A 89 -5.85 1.39 17.69
N LYS A 90 -5.27 1.67 18.86
CA LYS A 90 -4.87 3.04 19.17
C LYS A 90 -3.62 3.45 18.41
N ARG A 91 -2.71 2.51 18.15
CA ARG A 91 -1.53 2.82 17.36
C ARG A 91 -1.90 3.11 15.91
N ALA A 92 -2.80 2.31 15.33
CA ALA A 92 -3.22 2.54 13.95
C ALA A 92 -3.93 3.88 13.81
N ALA A 93 -4.64 4.31 14.87
CA ALA A 93 -5.35 5.58 14.85
C ALA A 93 -4.41 6.78 15.01
N SER A 94 -3.12 6.54 15.21
CA SER A 94 -2.18 7.64 15.36
C SER A 94 -1.91 8.38 14.05
N ARG A 95 -2.16 7.73 12.91
CA ARG A 95 -2.01 8.42 11.64
C ARG A 95 -2.98 9.59 11.55
N THR A 96 -2.48 10.72 11.05
CA THR A 96 -3.22 11.98 11.16
C THR A 96 -4.51 11.96 10.37
N ASP A 97 -4.48 11.43 9.15
CA ASP A 97 -5.67 11.40 8.29
C ASP A 97 -6.54 10.17 8.54
N VAL A 98 -6.28 9.42 9.61
CA VAL A 98 -7.12 8.31 10.05
C VAL A 98 -7.82 8.73 11.34
N ASN A 99 -9.08 8.30 11.48
CA ASN A 99 -9.80 8.43 12.75
C ASN A 99 -10.65 7.19 12.94
N LEU A 100 -10.39 6.47 14.03
CA LEU A 100 -11.19 5.32 14.43
C LEU A 100 -12.25 5.76 15.45
N ASN A 101 -13.48 5.29 15.26
CA ASN A 101 -14.58 5.57 16.19
C ASN A 101 -14.76 4.33 17.06
N LEU A 102 -14.18 4.37 18.26
CA LEU A 102 -14.24 3.27 19.21
C LEU A 102 -15.41 3.39 20.17
N ASP A 103 -16.36 4.30 19.91
CA ASP A 103 -17.40 4.59 20.89
C ASP A 103 -18.26 3.36 21.19
N ILE A 104 -18.49 2.49 20.21
CA ILE A 104 -19.32 1.32 20.47
C ILE A 104 -18.55 0.27 21.27
N LEU A 105 -17.23 0.19 21.08
CA LEU A 105 -16.42 -0.70 21.91
C LEU A 105 -16.28 -0.16 23.32
N ALA A 106 -16.13 1.16 23.46
CA ALA A 106 -16.10 1.78 24.78
C ALA A 106 -17.41 1.54 25.52
N THR A 107 -18.53 1.65 24.82
CA THR A 107 -19.83 1.37 25.44
C THR A 107 -19.90 -0.05 25.95
N PHE A 108 -19.44 -1.01 25.14
CA PHE A 108 -19.52 -2.41 25.52
C PHE A 108 -18.60 -2.74 26.70
N LEU A 109 -17.42 -2.14 26.73
CA LEU A 109 -16.43 -2.44 27.76
C LEU A 109 -16.51 -1.51 28.98
N ALA A 110 -17.47 -0.59 28.99
CA ALA A 110 -17.55 0.38 30.07
C ALA A 110 -17.95 -0.30 31.38
N GLY A 111 -17.67 0.39 32.49
CA GLY A 111 -17.98 -0.15 33.80
C GLY A 111 -16.91 -1.11 34.30
N ASN A 112 -17.28 -1.85 35.34
CA ASN A 112 -16.41 -2.88 35.91
C ASN A 112 -16.56 -4.16 35.08
N PHE A 113 -16.00 -4.12 33.88
CA PHE A 113 -16.16 -5.23 32.94
C PHE A 113 -15.57 -6.51 33.51
N ASP A 114 -16.39 -7.55 33.58
CA ASP A 114 -15.98 -8.84 34.12
C ASP A 114 -15.28 -9.63 33.02
N TYR A 115 -13.95 -9.57 33.01
CA TYR A 115 -13.18 -10.27 31.99
C TYR A 115 -13.16 -11.78 32.17
N SER A 116 -13.60 -12.28 33.34
CA SER A 116 -13.72 -13.72 33.54
C SER A 116 -14.90 -14.32 32.78
N LYS A 117 -15.79 -13.49 32.24
CA LYS A 117 -16.88 -13.96 31.40
C LYS A 117 -16.48 -14.03 29.92
N VAL A 118 -15.29 -13.52 29.57
CA VAL A 118 -14.83 -13.59 28.19
C VAL A 118 -14.42 -15.01 27.86
N GLN A 119 -14.76 -15.46 26.65
CA GLN A 119 -14.48 -16.82 26.23
C GLN A 119 -13.54 -16.91 25.03
N ASN A 120 -13.50 -15.89 24.17
CA ASN A 120 -12.68 -15.95 22.97
C ASN A 120 -12.50 -14.54 22.43
N ILE A 121 -11.31 -14.26 21.89
CA ILE A 121 -10.93 -12.93 21.42
C ILE A 121 -10.21 -13.05 20.08
N LEU A 122 -10.56 -12.19 19.14
CA LEU A 122 -9.89 -12.11 17.85
C LEU A 122 -9.67 -10.65 17.48
N ALA A 123 -8.49 -10.35 16.95
CA ALA A 123 -8.16 -9.04 16.38
C ALA A 123 -7.78 -9.23 14.92
N GLY A 124 -8.27 -8.35 14.05
CA GLY A 124 -8.10 -8.59 12.63
C GLY A 124 -8.12 -7.32 11.81
N ILE A 125 -7.95 -7.51 10.50
CA ILE A 125 -7.90 -6.41 9.54
C ILE A 125 -8.63 -6.82 8.27
N ASP A 126 -9.07 -5.82 7.52
CA ASP A 126 -9.58 -5.99 6.16
C ASP A 126 -9.23 -4.70 5.41
N LEU A 127 -8.07 -4.72 4.78
CA LEU A 127 -7.49 -3.51 4.19
C LEU A 127 -7.76 -3.45 2.69
N ARG A 128 -8.07 -2.25 2.22
CA ARG A 128 -8.33 -1.98 0.82
C ARG A 128 -7.34 -0.93 0.32
N GLN A 129 -7.32 -0.73 -1.01
CA GLN A 129 -6.51 0.35 -1.56
C GLN A 129 -7.09 1.71 -1.20
N ASN A 130 -8.40 1.77 -0.94
CA ASN A 130 -9.02 2.97 -0.39
C ASN A 130 -8.80 2.99 1.12
N LEU A 131 -8.18 4.06 1.62
CA LEU A 131 -7.88 4.14 3.05
C LEU A 131 -9.16 4.14 3.88
N GLY A 132 -10.12 4.97 3.51
CA GLY A 132 -11.37 5.06 4.24
C GLY A 132 -12.20 3.79 4.23
N GLU A 133 -12.04 2.95 3.21
CA GLU A 133 -12.77 1.71 3.10
C GLU A 133 -12.10 0.55 3.84
N SER A 134 -10.84 0.72 4.24
CA SER A 134 -10.18 -0.28 5.08
C SER A 134 -10.77 -0.23 6.49
N LYS A 135 -10.60 -1.34 7.21
CA LYS A 135 -11.18 -1.44 8.54
C LYS A 135 -10.36 -2.39 9.40
N LEU A 136 -10.41 -2.14 10.71
CA LEU A 136 -9.83 -3.00 11.73
C LEU A 136 -10.95 -3.67 12.50
N LYS A 137 -10.64 -4.83 13.08
CA LYS A 137 -11.70 -5.68 13.64
C LYS A 137 -11.32 -6.20 15.01
N LEU A 138 -12.32 -6.32 15.88
CA LEU A 138 -12.17 -6.92 17.20
C LEU A 138 -13.35 -7.83 17.48
N PHE A 139 -13.08 -9.06 17.90
CA PHE A 139 -14.11 -10.03 18.24
C PHE A 139 -13.99 -10.41 19.70
N ILE A 140 -15.12 -10.45 20.40
CA ILE A 140 -15.17 -10.86 21.81
C ILE A 140 -16.38 -11.77 22.01
N ARG A 141 -16.14 -12.95 22.54
CA ARG A 141 -17.21 -13.87 22.94
C ARG A 141 -17.31 -13.88 24.45
N ILE A 142 -18.52 -13.68 24.96
CA ILE A 142 -18.77 -13.69 26.40
C ILE A 142 -19.82 -14.76 26.71
N GLY A 143 -19.76 -15.29 27.92
CA GLY A 143 -20.65 -16.35 28.34
C GLY A 143 -21.28 -16.03 29.68
N ASP A 144 -22.61 -16.21 29.75
CA ASP A 144 -23.39 -15.99 30.97
C ASP A 144 -23.05 -14.63 31.61
N TYR A 145 -23.40 -13.58 30.86
CA TYR A 145 -23.08 -12.20 31.23
C TYR A 145 -24.26 -11.31 30.84
N PRO A 146 -25.36 -11.39 31.60
CA PRO A 146 -26.60 -10.72 31.16
C PRO A 146 -26.46 -9.22 30.92
N ALA A 147 -25.71 -8.52 31.78
CA ALA A 147 -25.62 -7.08 31.68
C ALA A 147 -24.98 -6.65 30.36
N LYS A 148 -23.89 -7.30 29.97
CA LYS A 148 -23.17 -6.91 28.76
C LYS A 148 -23.79 -7.51 27.50
N MET A 149 -24.48 -8.65 27.62
CA MET A 149 -25.26 -9.15 26.50
C MET A 149 -26.41 -8.20 26.17
N ALA A 150 -27.04 -7.63 27.21
CA ALA A 150 -28.08 -6.62 26.99
C ALA A 150 -27.51 -5.39 26.30
N VAL A 151 -26.31 -4.97 26.70
CA VAL A 151 -25.67 -3.82 26.06
C VAL A 151 -25.35 -4.12 24.61
N ALA A 152 -24.82 -5.32 24.34
CA ALA A 152 -24.48 -5.69 22.98
C ALA A 152 -25.72 -5.78 22.10
N LYS A 153 -26.81 -6.35 22.63
CA LYS A 153 -28.05 -6.44 21.88
C LYS A 153 -28.59 -5.05 21.54
N HIS A 154 -28.51 -4.12 22.47
CA HIS A 154 -29.03 -2.78 22.22
C HIS A 154 -28.17 -2.04 21.20
N LEU A 155 -26.84 -2.23 21.26
CA LEU A 155 -25.97 -1.63 20.26
C LEU A 155 -26.25 -2.18 18.87
N CYS A 156 -26.62 -3.46 18.78
CA CYS A 156 -26.95 -4.07 17.49
C CYS A 156 -28.36 -3.75 17.02
N ASN A 157 -29.20 -3.21 17.90
CA ASN A 157 -30.56 -2.81 17.56
C ASN A 157 -31.35 -3.98 16.99
N ILE A 158 -31.24 -5.13 17.66
CA ILE A 158 -31.88 -6.35 17.18
C ILE A 158 -33.38 -6.28 17.44
N THR A 159 -34.17 -6.55 16.40
CA THR A 159 -35.61 -6.68 16.55
C THR A 159 -35.92 -7.95 17.33
N PRO A 160 -37.08 -8.00 17.99
CA PRO A 160 -37.47 -9.23 18.70
C PRO A 160 -37.38 -10.51 17.88
N GLU A 161 -37.48 -10.41 16.55
CA GLU A 161 -37.29 -11.58 15.71
C GLU A 161 -35.84 -12.06 15.75
N SER A 162 -34.89 -11.13 15.71
CA SER A 162 -33.48 -11.50 15.78
C SER A 162 -33.07 -11.91 17.19
N GLU A 163 -33.78 -11.43 18.21
CA GLU A 163 -33.47 -11.82 19.57
C GLU A 163 -33.69 -13.31 19.78
N ALA A 164 -34.67 -13.89 19.09
CA ALA A 164 -34.94 -15.32 19.20
C ALA A 164 -33.80 -16.15 18.63
N MET A 165 -32.94 -15.56 17.80
CA MET A 165 -31.77 -16.24 17.29
C MET A 165 -30.63 -16.32 18.31
N LEU A 166 -30.57 -15.37 19.24
CA LEU A 166 -29.44 -15.30 20.16
C LEU A 166 -29.58 -16.31 21.29
N ARG A 167 -28.45 -16.92 21.66
CA ARG A 167 -28.39 -17.77 22.84
C ARG A 167 -28.25 -16.91 24.09
N SER A 168 -28.72 -17.45 25.21
CA SER A 168 -28.59 -16.76 26.49
C SER A 168 -27.34 -17.19 27.26
N ASP A 169 -26.72 -18.31 26.88
CA ASP A 169 -25.52 -18.77 27.55
C ASP A 169 -24.24 -18.23 26.92
N THR A 170 -24.31 -17.73 25.70
CA THR A 170 -23.12 -17.28 24.97
C THR A 170 -23.52 -16.21 23.97
N LEU A 171 -22.60 -15.30 23.68
CA LEU A 171 -22.81 -14.26 22.68
C LEU A 171 -21.48 -13.96 21.99
N HIS A 172 -21.46 -14.07 20.67
CA HIS A 172 -20.27 -13.79 19.87
C HIS A 172 -20.45 -12.42 19.21
N ILE A 173 -19.55 -11.49 19.55
CA ILE A 173 -19.69 -10.09 19.19
C ILE A 173 -18.48 -9.68 18.36
N GLY A 174 -18.74 -8.97 17.26
CA GLY A 174 -17.69 -8.44 16.41
C GLY A 174 -17.81 -6.93 16.30
N PHE A 175 -16.66 -6.27 16.13
CA PHE A 175 -16.60 -4.83 15.99
C PHE A 175 -15.83 -4.49 14.73
N ASP A 176 -16.41 -3.63 13.89
CA ASP A 176 -15.74 -3.12 12.70
C ASP A 176 -15.38 -1.65 12.93
N PHE A 177 -14.16 -1.29 12.56
CA PHE A 177 -13.67 0.08 12.72
C PHE A 177 -13.07 0.54 11.40
N TYR A 178 -13.87 1.22 10.58
CA TYR A 178 -13.36 1.78 9.34
C TYR A 178 -12.48 2.98 9.61
N LEU A 179 -11.45 3.15 8.78
CA LEU A 179 -10.47 4.19 9.00
C LEU A 179 -10.99 5.59 8.70
N ASP A 180 -12.21 5.72 8.19
CA ASP A 180 -12.80 7.02 7.89
C ASP A 180 -13.80 7.47 8.96
N GLY A 181 -13.88 6.74 10.08
CA GLY A 181 -14.75 7.09 11.17
C GLY A 181 -15.97 6.20 11.32
N ARG A 182 -16.29 5.41 10.30
CA ARG A 182 -17.45 4.53 10.38
C ARG A 182 -17.16 3.33 11.27
N SER A 183 -18.20 2.87 11.96
CA SER A 183 -18.09 1.73 12.85
CA SER A 183 -18.09 1.72 12.85
C SER A 183 -19.41 0.97 12.85
N ALA A 184 -19.32 -0.32 13.19
CA ALA A 184 -20.49 -1.18 13.23
C ALA A 184 -20.25 -2.32 14.20
N ILE A 185 -21.34 -2.88 14.73
CA ILE A 185 -21.29 -4.05 15.60
C ILE A 185 -22.08 -5.16 14.94
N GLU A 186 -21.68 -6.40 15.21
CA GLU A 186 -22.34 -7.55 14.63
C GLU A 186 -22.39 -8.69 15.65
N LEU A 187 -23.51 -9.38 15.70
CA LEU A 187 -23.70 -10.53 16.56
C LEU A 187 -23.76 -11.80 15.73
N TYR A 188 -23.13 -12.86 16.22
CA TYR A 188 -23.03 -14.13 15.50
C TYR A 188 -23.60 -15.26 16.34
N PRO A 189 -24.92 -15.43 16.35
CA PRO A 189 -25.49 -16.64 16.95
C PRO A 189 -25.09 -17.87 16.16
N GLU A 190 -24.77 -18.94 16.88
CA GLU A 190 -24.24 -20.14 16.25
C GLU A 190 -24.92 -21.38 16.82
N LEU A 191 -24.81 -22.47 16.07
CA LEU A 191 -25.30 -23.78 16.47
C LEU A 191 -24.24 -24.82 16.19
N LYS A 192 -24.00 -25.71 17.14
CA LYS A 192 -23.06 -26.81 16.94
C LYS A 192 -23.76 -27.97 16.26
N LYS A 193 -22.96 -28.94 15.81
CA LYS A 193 -23.51 -30.10 15.10
C LYS A 193 -24.51 -30.85 15.95
N ASP A 194 -24.15 -31.14 17.21
CA ASP A 194 -25.08 -31.81 18.11
C ASP A 194 -26.36 -31.01 18.32
N GLU A 195 -26.31 -29.69 18.13
CA GLU A 195 -27.46 -28.85 18.43
C GLU A 195 -28.39 -28.67 17.23
N PHE A 196 -27.85 -28.39 16.03
CA PHE A 196 -28.75 -28.28 14.90
C PHE A 196 -29.16 -29.64 14.34
N ASN A 197 -28.63 -30.74 14.90
CA ASN A 197 -29.13 -32.07 14.60
C ASN A 197 -30.31 -32.47 15.46
N HIS A 198 -30.57 -31.74 16.54
CA HIS A 198 -31.76 -31.94 17.35
C HIS A 198 -33.01 -31.80 16.49
N PRO A 199 -33.85 -32.82 16.39
CA PRO A 199 -35.07 -32.69 15.58
C PRO A 199 -35.96 -31.52 15.97
N PHE A 200 -36.04 -31.18 17.26
CA PHE A 200 -36.88 -30.04 17.65
C PHE A 200 -36.26 -28.70 17.28
N ILE A 201 -34.99 -28.69 16.85
CA ILE A 201 -34.35 -27.47 16.38
C ILE A 201 -34.23 -27.45 14.86
N TYR A 202 -33.91 -28.59 14.24
CA TYR A 202 -33.75 -28.62 12.80
C TYR A 202 -35.08 -28.36 12.09
N ASN A 203 -36.18 -28.86 12.64
CA ASN A 203 -37.48 -28.66 11.99
C ASN A 203 -37.90 -27.20 12.02
N GLN A 204 -37.50 -26.45 13.05
CA GLN A 204 -37.78 -25.01 13.05
C GLN A 204 -36.86 -24.27 12.09
N LEU A 205 -35.64 -24.79 11.89
CA LEU A 205 -34.76 -24.23 10.85
C LEU A 205 -35.40 -24.34 9.47
N LYS A 206 -36.24 -25.36 9.26
CA LYS A 206 -36.95 -25.47 7.99
C LYS A 206 -37.93 -24.33 7.77
N THR A 207 -38.36 -23.65 8.84
CA THR A 207 -39.30 -22.55 8.68
C THR A 207 -38.60 -21.27 8.25
N ILE A 208 -37.40 -21.00 8.78
CA ILE A 208 -36.75 -19.72 8.53
C ILE A 208 -35.77 -19.78 7.36
N LEU A 209 -35.22 -20.95 7.05
CA LEU A 209 -34.21 -21.09 6.03
C LEU A 209 -34.71 -22.00 4.91
N SER A 210 -34.30 -21.67 3.68
CA SER A 210 -34.62 -22.49 2.54
C SER A 210 -33.87 -23.81 2.61
N PRO A 211 -34.36 -24.84 1.92
CA PRO A 211 -33.61 -26.11 1.88
C PRO A 211 -32.26 -25.97 1.21
N GLU A 212 -32.06 -24.98 0.34
CA GLU A 212 -30.74 -24.73 -0.22
C GLU A 212 -29.75 -24.33 0.88
N ALA A 213 -30.19 -23.49 1.82
CA ALA A 213 -29.32 -23.07 2.91
C ALA A 213 -29.09 -24.18 3.93
N LEU A 214 -29.94 -25.21 3.93
CA LEU A 214 -29.79 -26.31 4.88
C LEU A 214 -28.99 -27.48 4.32
N LYS A 215 -28.75 -27.50 3.01
CA LYS A 215 -28.05 -28.62 2.37
C LYS A 215 -26.68 -28.93 2.98
N PRO A 216 -25.77 -27.96 3.18
CA PRO A 216 -24.43 -28.32 3.65
C PRO A 216 -24.33 -28.66 5.13
N LEU A 217 -25.45 -28.68 5.87
CA LEU A 217 -25.38 -28.92 7.30
C LEU A 217 -24.74 -30.26 7.68
N PRO A 218 -24.97 -31.37 6.98
CA PRO A 218 -24.24 -32.61 7.33
C PRO A 218 -22.72 -32.50 7.21
N LEU A 219 -22.21 -31.47 6.53
CA LEU A 219 -20.77 -31.28 6.39
C LEU A 219 -20.15 -30.45 7.52
N CYS A 220 -20.96 -29.87 8.38
CA CYS A 220 -20.53 -28.81 9.28
C CYS A 220 -20.52 -29.27 10.74
N ASN A 221 -19.53 -28.81 11.48
CA ASN A 221 -19.53 -28.84 12.94
C ASN A 221 -20.05 -27.56 13.55
N LEU A 222 -20.22 -26.51 12.75
CA LEU A 222 -20.72 -25.23 13.22
C LEU A 222 -21.52 -24.55 12.10
N PHE A 223 -22.55 -23.82 12.51
CA PHE A 223 -23.39 -23.06 11.58
C PHE A 223 -23.96 -21.86 12.33
N GLY A 224 -23.92 -20.70 11.68
CA GLY A 224 -24.33 -19.47 12.34
C GLY A 224 -24.83 -18.44 11.35
N ILE A 225 -25.23 -17.29 11.90
CA ILE A 225 -25.77 -16.17 11.14
C ILE A 225 -25.18 -14.88 11.71
N GLY A 226 -24.88 -13.93 10.82
CA GLY A 226 -24.37 -12.63 11.22
C GLY A 226 -25.47 -11.59 11.19
N LEU A 227 -25.64 -10.90 12.32
CA LEU A 227 -26.68 -9.89 12.48
C LEU A 227 -26.03 -8.55 12.75
N SER A 228 -26.27 -7.57 11.87
CA SER A 228 -25.67 -6.26 12.04
C SER A 228 -26.49 -5.23 11.29
N PRO A 229 -26.60 -3.99 11.79
CA PRO A 229 -27.23 -2.93 10.99
C PRO A 229 -26.50 -2.64 9.70
N ALA A 230 -25.21 -3.00 9.60
CA ALA A 230 -24.40 -2.71 8.43
C ALA A 230 -24.55 -3.76 7.33
N ASN A 231 -25.15 -4.91 7.63
CA ASN A 231 -25.37 -5.93 6.62
C ASN A 231 -26.55 -5.57 5.74
N GLU A 232 -26.39 -5.77 4.43
CA GLU A 232 -27.54 -5.63 3.53
C GLU A 232 -28.58 -6.70 3.82
N ALA A 233 -28.11 -7.90 4.16
CA ALA A 233 -28.98 -8.99 4.61
C ALA A 233 -28.16 -9.86 5.55
N ASN A 234 -28.86 -10.76 6.25
CA ASN A 234 -28.18 -11.67 7.18
C ASN A 234 -27.20 -12.56 6.43
N VAL A 235 -26.02 -12.76 7.01
CA VAL A 235 -24.97 -13.58 6.41
C VAL A 235 -25.05 -14.97 7.02
N LEU A 236 -24.90 -15.99 6.18
CA LEU A 236 -24.89 -17.37 6.63
C LEU A 236 -23.45 -17.84 6.75
N TYR A 237 -23.12 -18.45 7.90
CA TYR A 237 -21.77 -18.92 8.18
C TYR A 237 -21.79 -20.43 8.30
N TYR A 238 -20.86 -21.08 7.59
CA TYR A 238 -20.72 -22.54 7.63
C TYR A 238 -19.30 -22.87 8.07
N GLY A 239 -19.18 -23.60 9.16
CA GLY A 239 -17.90 -24.16 9.56
C GLY A 239 -17.78 -25.59 9.07
N LEU A 240 -17.04 -25.79 7.97
CA LEU A 240 -16.90 -27.12 7.41
C LEU A 240 -15.88 -27.95 8.18
N GLU A 241 -16.19 -29.23 8.35
CA GLU A 241 -15.27 -30.13 9.03
C GLU A 241 -14.12 -30.53 8.14
N ASN A 242 -14.34 -30.57 6.82
CA ASN A 242 -13.34 -31.04 5.86
C ASN A 242 -13.31 -30.08 4.69
N ILE A 243 -12.12 -29.51 4.42
CA ILE A 243 -11.97 -28.56 3.32
C ILE A 243 -12.21 -29.23 1.97
N GLU A 244 -11.96 -30.55 1.89
CA GLU A 244 -12.12 -31.28 0.64
C GLU A 244 -13.58 -31.48 0.25
N ASP A 245 -14.52 -31.27 1.17
CA ASP A 245 -15.94 -31.37 0.85
C ASP A 245 -16.51 -30.08 0.28
N PHE A 246 -15.72 -29.00 0.22
CA PHE A 246 -16.27 -27.69 -0.07
C PHE A 246 -16.83 -27.60 -1.49
N LEU A 247 -16.03 -27.98 -2.48
CA LEU A 247 -16.40 -27.77 -3.88
C LEU A 247 -17.61 -28.60 -4.30
N SER A 248 -17.95 -29.65 -3.55
CA SER A 248 -19.11 -30.45 -3.90
C SER A 248 -20.43 -29.80 -3.53
N TYR A 249 -20.41 -28.77 -2.68
CA TYR A 249 -21.63 -28.15 -2.17
C TYR A 249 -21.69 -26.64 -2.36
N PHE A 250 -20.58 -25.98 -2.71
CA PHE A 250 -20.54 -24.53 -2.85
C PHE A 250 -19.97 -24.17 -4.22
N PRO A 251 -20.82 -23.94 -5.22
CA PRO A 251 -20.38 -23.62 -6.60
C PRO A 251 -19.89 -22.19 -6.75
N ILE A 252 -18.66 -21.95 -6.28
CA ILE A 252 -18.09 -20.61 -6.32
C ILE A 252 -17.57 -20.31 -7.72
N ASN A 253 -17.41 -19.01 -8.00
CA ASN A 253 -16.87 -18.61 -9.28
C ASN A 253 -15.37 -18.84 -9.33
N ASP A 254 -14.75 -18.45 -10.44
CA ASP A 254 -13.32 -18.69 -10.62
C ASP A 254 -12.48 -17.81 -9.70
N THR A 255 -12.94 -16.59 -9.39
CA THR A 255 -12.17 -15.71 -8.53
C THR A 255 -12.04 -16.30 -7.13
N ALA A 256 -13.16 -16.76 -6.56
CA ALA A 256 -13.13 -17.45 -5.29
C ALA A 256 -12.43 -18.80 -5.41
N ARG A 257 -12.42 -19.39 -6.61
CA ARG A 257 -11.78 -20.68 -6.79
C ARG A 257 -10.27 -20.59 -6.64
N ARG A 258 -9.67 -19.48 -7.10
CA ARG A 258 -8.24 -19.29 -6.94
C ARG A 258 -7.85 -19.27 -5.46
N VAL A 259 -8.67 -18.63 -4.63
CA VAL A 259 -8.39 -18.57 -3.20
C VAL A 259 -8.49 -19.97 -2.59
N HIS A 260 -9.57 -20.69 -2.90
CA HIS A 260 -9.78 -22.00 -2.30
C HIS A 260 -8.75 -23.02 -2.80
N ASP A 261 -8.39 -22.95 -4.09
CA ASP A 261 -7.42 -23.90 -4.62
C ASP A 261 -6.05 -23.73 -3.98
N PHE A 262 -5.67 -22.50 -3.67
CA PHE A 262 -4.40 -22.26 -2.99
C PHE A 262 -4.39 -22.90 -1.61
N TYR A 263 -5.50 -22.77 -0.86
CA TYR A 263 -5.53 -23.27 0.50
C TYR A 263 -5.91 -24.74 0.59
N LEU A 264 -6.27 -25.38 -0.52
CA LEU A 264 -6.39 -26.82 -0.53
C LEU A 264 -5.02 -27.48 -0.38
N GLN A 265 -3.93 -26.73 -0.55
CA GLN A 265 -2.58 -27.26 -0.49
C GLN A 265 -1.72 -26.54 0.55
N GLN A 266 -2.31 -25.69 1.39
CA GLN A 266 -1.57 -24.99 2.42
C GLN A 266 -1.64 -25.79 3.72
N GLU A 267 -0.48 -25.97 4.35
CA GLU A 267 -0.44 -26.68 5.63
C GLU A 267 -1.18 -25.87 6.69
N GLY A 268 -1.93 -26.56 7.52
CA GLY A 268 -2.75 -25.91 8.52
C GLY A 268 -3.97 -26.76 8.84
N SER A 269 -5.04 -26.08 9.24
CA SER A 269 -6.26 -26.77 9.61
C SER A 269 -6.94 -27.38 8.40
N ARG A 270 -7.57 -28.53 8.61
CA ARG A 270 -8.43 -29.13 7.59
C ARG A 270 -9.80 -28.48 7.53
N ARG A 271 -10.18 -27.75 8.56
CA ARG A 271 -11.46 -27.05 8.59
C ARG A 271 -11.38 -25.75 7.83
N MET A 272 -12.55 -25.21 7.49
CA MET A 272 -12.65 -23.94 6.80
C MET A 272 -13.99 -23.31 7.14
N THR A 273 -14.13 -22.03 6.80
CA THR A 273 -15.37 -21.30 7.00
C THR A 273 -15.74 -20.55 5.73
N VAL A 274 -17.01 -20.63 5.36
CA VAL A 274 -17.56 -19.90 4.22
C VAL A 274 -18.72 -19.04 4.70
N ALA A 275 -18.74 -17.78 4.25
CA ALA A 275 -19.75 -16.82 4.66
C ALA A 275 -20.39 -16.22 3.42
N LEU A 276 -21.73 -16.26 3.36
CA LEU A 276 -22.46 -15.79 2.20
C LEU A 276 -23.93 -15.63 2.56
N SER A 277 -24.62 -14.83 1.76
CA SER A 277 -26.04 -14.59 1.97
C SER A 277 -26.85 -15.80 1.52
N GLU A 278 -28.07 -15.91 2.07
CA GLU A 278 -28.96 -16.98 1.65
C GLU A 278 -29.32 -16.86 0.17
N SER A 279 -29.37 -15.63 -0.34
CA SER A 279 -29.59 -15.43 -1.77
C SER A 279 -28.51 -16.10 -2.61
N GLU A 280 -27.26 -16.09 -2.13
CA GLU A 280 -26.18 -16.75 -2.84
C GLU A 280 -26.32 -18.26 -2.80
N MET A 281 -26.86 -18.80 -1.69
CA MET A 281 -27.07 -20.25 -1.60
C MET A 281 -28.12 -20.73 -2.59
N LYS A 282 -29.06 -19.87 -2.96
CA LYS A 282 -30.12 -20.22 -3.90
C LYS A 282 -29.77 -19.91 -5.34
N ALA A 283 -28.63 -19.26 -5.59
CA ALA A 283 -28.17 -19.04 -6.95
C ALA A 283 -27.49 -20.30 -7.49
N GLY A 284 -27.36 -20.35 -8.82
CA GLY A 284 -26.65 -21.46 -9.43
C GLY A 284 -25.14 -21.38 -9.30
N ARG A 285 -24.62 -20.21 -8.93
CA ARG A 285 -23.18 -19.98 -8.88
C ARG A 285 -22.90 -18.90 -7.84
N ILE A 286 -22.00 -19.20 -6.91
CA ILE A 286 -21.70 -18.30 -5.80
C ILE A 286 -20.71 -17.24 -6.29
N ASN A 287 -21.17 -15.99 -6.37
CA ASN A 287 -20.36 -14.87 -6.84
C ASN A 287 -20.00 -13.87 -5.76
N ASN A 288 -20.59 -13.98 -4.56
CA ASN A 288 -20.27 -13.07 -3.45
C ASN A 288 -20.16 -13.91 -2.18
N VAL A 289 -18.95 -13.96 -1.61
CA VAL A 289 -18.65 -14.93 -0.56
C VAL A 289 -17.36 -14.57 0.17
N ASN A 290 -17.30 -14.91 1.46
CA ASN A 290 -16.07 -14.88 2.24
C ASN A 290 -15.59 -16.30 2.50
N LEU A 291 -14.29 -16.51 2.35
CA LEU A 291 -13.66 -17.80 2.61
C LEU A 291 -12.59 -17.63 3.68
N TYR A 292 -12.57 -18.54 4.65
CA TYR A 292 -11.67 -18.44 5.79
C TYR A 292 -10.89 -19.74 5.93
N TYR A 293 -9.57 -19.63 6.11
CA TYR A 293 -8.69 -20.76 6.35
C TYR A 293 -7.72 -20.37 7.45
N SER A 294 -7.27 -21.37 8.23
CA SER A 294 -6.54 -21.08 9.45
C SER A 294 -5.38 -22.06 9.62
N LYS A 295 -4.51 -21.72 10.58
CA LYS A 295 -3.35 -22.51 10.93
C LYS A 295 -3.04 -22.23 12.39
N ALA A 296 -2.78 -23.29 13.16
CA ALA A 296 -2.58 -23.16 14.59
C ALA A 296 -1.10 -22.97 14.92
N PHE A 297 -0.84 -22.12 15.92
CA PHE A 297 0.52 -21.85 16.39
C PHE A 297 0.53 -22.03 17.91
N THR A 298 0.92 -23.23 18.35
CA THR A 298 0.87 -23.59 19.77
C THR A 298 2.19 -24.20 20.16
N SER A 299 2.72 -23.78 21.31
CA SER A 299 4.01 -24.27 21.79
C SER A 299 3.87 -25.66 22.39
N GLN A 300 4.87 -26.50 22.14
CA GLN A 300 4.90 -27.87 22.63
C GLN A 300 5.54 -27.99 24.01
N ASN A 301 5.91 -26.88 24.63
CA ASN A 301 6.53 -26.91 25.95
C ASN A 301 5.50 -26.69 27.06
N SER B 7 35.19 -1.04 11.10
CA SER B 7 36.47 -0.60 10.59
C SER B 7 36.35 -0.17 9.13
N LYS B 8 36.30 1.14 8.92
CA LYS B 8 36.18 1.71 7.59
C LYS B 8 37.57 2.14 7.09
N VAL B 9 37.59 2.85 5.96
CA VAL B 9 38.85 3.26 5.33
C VAL B 9 38.87 4.75 5.11
N PHE B 10 37.79 5.30 4.56
CA PHE B 10 37.75 6.69 4.15
C PHE B 10 37.17 7.56 5.27
N LYS B 11 37.99 8.48 5.77
CA LYS B 11 37.52 9.43 6.77
C LYS B 11 36.41 10.32 6.22
N SER B 12 36.43 10.57 4.91
CA SER B 12 35.48 11.46 4.27
C SER B 12 34.15 10.80 3.93
N THR B 13 34.00 9.51 4.24
CA THR B 13 32.75 8.81 3.94
C THR B 13 31.60 9.44 4.72
N ILE B 14 30.60 9.92 3.99
CA ILE B 14 29.41 10.48 4.62
C ILE B 14 28.60 9.36 5.25
N ALA B 15 28.30 9.49 6.54
CA ALA B 15 27.45 8.52 7.19
C ALA B 15 26.07 8.55 6.57
N PRO B 16 25.43 7.39 6.33
CA PRO B 16 24.14 7.39 5.64
C PRO B 16 22.97 7.85 6.50
N GLU B 17 23.19 8.10 7.80
CA GLU B 17 22.07 8.40 8.70
C GLU B 17 21.32 9.66 8.27
N GLU B 18 22.05 10.71 7.89
CA GLU B 18 21.39 11.95 7.52
C GLU B 18 20.68 11.83 6.17
N LYS B 19 21.26 11.06 5.24
CA LYS B 19 20.57 10.78 3.99
C LYS B 19 19.25 10.05 4.23
N LEU B 20 19.27 9.08 5.14
CA LEU B 20 18.08 8.26 5.39
C LEU B 20 17.05 8.98 6.24
N ARG B 21 17.48 9.92 7.08
CA ARG B 21 16.53 10.73 7.84
C ARG B 21 15.82 11.72 6.93
N TYR B 22 16.51 12.25 5.93
CA TYR B 22 15.86 13.11 4.95
C TYR B 22 14.79 12.35 4.19
N ILE B 23 15.10 11.13 3.74
CA ILE B 23 14.11 10.26 3.14
C ILE B 23 13.05 9.87 4.18
N GLY B 24 13.48 9.67 5.43
CA GLY B 24 12.53 9.29 6.47
C GLY B 24 11.54 10.40 6.80
N ASN B 25 12.01 11.65 6.76
CA ASN B 25 11.11 12.78 6.99
C ASN B 25 10.03 12.83 5.90
N HIS B 26 10.41 12.50 4.67
CA HIS B 26 9.44 12.47 3.58
C HIS B 26 8.43 11.35 3.78
N LYS B 27 8.90 10.15 4.16
CA LYS B 27 8.00 9.04 4.40
C LYS B 27 7.06 9.33 5.55
N GLN B 28 7.56 9.97 6.60
CA GLN B 28 6.73 10.30 7.75
C GLN B 28 5.69 11.36 7.41
N ALA B 29 6.10 12.39 6.64
CA ALA B 29 5.20 13.52 6.39
C ALA B 29 3.98 13.10 5.58
N PHE B 30 4.15 12.14 4.67
CA PHE B 30 3.09 11.77 3.74
C PHE B 30 2.66 10.31 3.90
N ASP B 31 2.99 9.68 5.02
CA ASP B 31 2.45 8.38 5.40
C ASP B 31 2.73 7.32 4.33
N ILE B 32 4.00 7.24 3.91
CA ILE B 32 4.38 6.36 2.83
C ILE B 32 4.57 4.94 3.38
N GLU B 33 3.87 3.98 2.78
CA GLU B 33 4.00 2.58 3.15
C GLU B 33 5.31 2.01 2.61
N PRO B 34 5.78 0.89 3.17
CA PRO B 34 7.00 0.27 2.64
C PRO B 34 6.80 -0.36 1.26
N LEU B 35 6.47 0.46 0.27
CA LEU B 35 6.27 -0.04 -1.08
C LEU B 35 7.57 -0.61 -1.64
N TYR B 36 7.43 -1.61 -2.50
CA TYR B 36 8.60 -2.22 -3.11
C TYR B 36 9.08 -1.40 -4.30
N PRO B 37 10.40 -1.17 -4.45
CA PRO B 37 11.45 -1.59 -3.53
C PRO B 37 12.07 -0.42 -2.76
N LEU B 38 11.28 0.27 -1.94
CA LEU B 38 11.78 1.45 -1.24
C LEU B 38 12.94 1.10 -0.30
N ALA B 39 12.85 -0.05 0.37
CA ALA B 39 13.91 -0.44 1.31
C ALA B 39 15.21 -0.73 0.58
N LEU B 40 15.13 -1.36 -0.59
CA LEU B 40 16.33 -1.57 -1.39
C LEU B 40 16.94 -0.26 -1.84
N PHE B 41 16.10 0.71 -2.22
CA PHE B 41 16.60 2.00 -2.69
C PHE B 41 17.32 2.75 -1.56
N GLU B 42 16.81 2.64 -0.34
CA GLU B 42 17.46 3.28 0.80
C GLU B 42 18.81 2.61 1.11
N GLU B 43 18.89 1.30 0.94
CA GLU B 43 20.17 0.62 1.08
C GLU B 43 21.14 1.06 -0.02
N PHE B 44 20.61 1.34 -1.21
CA PHE B 44 21.45 1.85 -2.29
C PHE B 44 21.91 3.27 -2.01
N VAL B 45 21.01 4.11 -1.47
CA VAL B 45 21.37 5.48 -1.12
C VAL B 45 22.45 5.47 -0.04
N ALA B 46 22.41 4.48 0.86
CA ALA B 46 23.36 4.44 1.96
C ALA B 46 24.79 4.24 1.47
N THR B 47 24.96 3.55 0.35
CA THR B 47 26.28 3.23 -0.18
C THR B 47 26.88 4.36 -1.02
N THR B 48 26.15 5.46 -1.22
CA THR B 48 26.61 6.51 -2.11
C THR B 48 27.53 7.48 -1.36
N GLY B 49 28.22 8.31 -2.14
CA GLY B 49 29.10 9.33 -1.58
C GLY B 49 28.47 10.71 -1.63
N ASP B 50 29.19 11.70 -2.16
CA ASP B 50 28.62 13.02 -2.34
C ASP B 50 27.46 12.96 -3.33
N CYS B 51 26.32 13.52 -2.95
CA CYS B 51 25.13 13.40 -3.78
C CYS B 51 24.11 14.43 -3.36
N ILE B 52 23.14 14.65 -4.25
CA ILE B 52 21.92 15.41 -3.96
C ILE B 52 20.77 14.43 -3.90
N ILE B 53 19.96 14.52 -2.86
CA ILE B 53 18.76 13.69 -2.69
C ILE B 53 17.55 14.56 -2.98
N GLU B 54 16.69 14.10 -3.88
CA GLU B 54 15.51 14.86 -4.31
C GLU B 54 14.26 14.09 -3.92
N CYS B 55 13.41 14.71 -3.10
CA CYS B 55 12.13 14.15 -2.71
C CYS B 55 11.02 14.88 -3.47
N SER B 56 10.05 14.12 -3.97
CA SER B 56 9.06 14.66 -4.88
C SER B 56 7.67 14.16 -4.56
N GLY B 57 6.67 14.92 -5.00
CA GLY B 57 5.28 14.51 -4.93
C GLY B 57 4.55 14.83 -6.21
N LYS B 58 3.83 13.84 -6.74
CA LYS B 58 3.02 14.01 -7.94
C LYS B 58 1.56 14.17 -7.54
N ILE B 59 0.93 15.25 -8.01
CA ILE B 59 -0.44 15.58 -7.64
C ILE B 59 -1.32 15.45 -8.88
N LYS B 60 -2.40 14.69 -8.75
CA LYS B 60 -3.45 14.61 -9.77
C LYS B 60 -4.75 15.03 -9.10
N GLN B 61 -5.13 16.29 -9.30
CA GLN B 61 -6.26 16.92 -8.62
C GLN B 61 -6.11 16.79 -7.10
N ASP B 62 -6.80 15.82 -6.50
CA ASP B 62 -6.74 15.63 -5.05
C ASP B 62 -6.00 14.35 -4.66
N GLN B 63 -5.33 13.71 -5.61
CA GLN B 63 -4.56 12.50 -5.33
C GLN B 63 -3.08 12.84 -5.25
N LEU B 64 -2.43 12.40 -4.17
CA LEU B 64 -1.01 12.63 -3.96
C LEU B 64 -0.26 11.30 -4.08
N TYR B 65 0.85 11.32 -4.81
CA TYR B 65 1.75 10.17 -4.91
C TYR B 65 3.13 10.59 -4.43
N PRO B 66 3.49 10.32 -3.18
CA PRO B 66 4.73 10.85 -2.60
C PRO B 66 5.93 9.91 -2.61
N ALA B 67 5.76 8.67 -3.05
CA ALA B 67 6.87 7.72 -3.10
C ALA B 67 7.77 7.99 -4.31
N ARG B 68 8.32 9.20 -4.34
CA ARG B 68 9.14 9.67 -5.46
C ARG B 68 10.42 10.26 -4.90
N ILE B 69 11.53 9.54 -5.05
CA ILE B 69 12.83 9.95 -4.53
C ILE B 69 13.88 9.71 -5.60
N ASP B 70 14.75 10.70 -5.79
CA ASP B 70 15.86 10.61 -6.73
C ASP B 70 17.17 10.89 -6.02
N LEU B 71 18.26 10.35 -6.57
CA LEU B 71 19.60 10.62 -6.06
C LEU B 71 20.50 10.97 -7.23
N GLN B 72 21.08 12.17 -7.19
CA GLN B 72 22.00 12.64 -8.21
C GLN B 72 23.42 12.59 -7.65
N PHE B 73 24.28 11.82 -8.31
CA PHE B 73 25.67 11.71 -7.87
C PHE B 73 26.40 13.02 -8.14
N SER B 74 27.28 13.40 -7.22
CA SER B 74 27.97 14.68 -7.27
C SER B 74 29.44 14.59 -7.68
N ASP B 75 30.05 13.41 -7.61
CA ASP B 75 31.41 13.25 -8.07
C ASP B 75 31.42 12.86 -9.55
N LYS B 76 32.62 12.74 -10.11
CA LYS B 76 32.79 12.44 -11.53
C LYS B 76 33.17 10.98 -11.77
N HIS B 77 32.85 10.09 -10.84
CA HIS B 77 33.12 8.66 -11.00
C HIS B 77 31.94 8.03 -11.73
N HIS B 78 31.85 8.33 -13.03
CA HIS B 78 30.66 8.03 -13.80
C HIS B 78 30.47 6.53 -13.98
N PHE B 79 31.54 5.80 -14.28
CA PHE B 79 31.43 4.35 -14.44
C PHE B 79 30.94 3.71 -13.15
N HIS B 80 31.52 4.12 -12.01
CA HIS B 80 31.16 3.53 -10.73
C HIS B 80 29.70 3.82 -10.38
N ASN B 81 29.25 5.05 -10.60
CA ASN B 81 27.90 5.44 -10.20
C ASN B 81 26.85 4.80 -11.09
N ILE B 82 27.14 4.67 -12.38
CA ILE B 82 26.25 3.92 -13.28
C ILE B 82 26.21 2.46 -12.87
N HIS B 83 27.36 1.89 -12.51
CA HIS B 83 27.42 0.49 -12.14
C HIS B 83 26.62 0.21 -10.87
N THR B 84 26.79 1.06 -9.85
CA THR B 84 26.04 0.86 -8.60
C THR B 84 24.55 1.10 -8.82
N SER B 85 24.19 2.04 -9.69
CA SER B 85 22.78 2.26 -10.01
C SER B 85 22.18 1.04 -10.68
N ILE B 86 22.92 0.42 -11.62
CA ILE B 86 22.43 -0.79 -12.27
C ILE B 86 22.36 -1.94 -11.29
N ASP B 87 23.29 -2.00 -10.32
CA ASP B 87 23.22 -3.03 -9.29
C ASP B 87 21.91 -2.95 -8.51
N PHE B 88 21.45 -1.74 -8.22
CA PHE B 88 20.15 -1.58 -7.57
C PHE B 88 19.02 -2.02 -8.50
N LEU B 89 19.13 -1.71 -9.79
CA LEU B 89 18.09 -2.11 -10.74
C LEU B 89 17.96 -3.62 -10.81
N LYS B 90 19.08 -4.33 -10.76
CA LYS B 90 19.04 -5.79 -10.87
C LYS B 90 18.66 -6.45 -9.55
N ARG B 91 19.00 -5.82 -8.41
CA ARG B 91 18.53 -6.34 -7.13
C ARG B 91 17.02 -6.24 -7.01
N ALA B 92 16.44 -5.14 -7.50
CA ALA B 92 15.00 -4.99 -7.51
C ALA B 92 14.33 -5.97 -8.46
N ALA B 93 14.97 -6.25 -9.60
CA ALA B 93 14.35 -7.14 -10.58
C ALA B 93 14.32 -8.58 -10.11
N SER B 94 15.05 -8.92 -9.05
CA SER B 94 15.21 -10.30 -8.63
C SER B 94 14.00 -10.86 -7.91
N ARG B 95 13.02 -10.05 -7.54
CA ARG B 95 11.79 -10.57 -6.95
C ARG B 95 10.95 -11.20 -8.04
N THR B 96 10.45 -12.40 -7.76
CA THR B 96 9.85 -13.22 -8.82
C THR B 96 8.66 -12.55 -9.48
N ASP B 97 7.83 -11.85 -8.70
CA ASP B 97 6.65 -11.20 -9.26
C ASP B 97 6.98 -9.87 -9.94
N VAL B 98 8.25 -9.48 -9.99
CA VAL B 98 8.68 -8.28 -10.70
C VAL B 98 9.26 -8.69 -12.04
N ASN B 99 8.99 -7.87 -13.06
CA ASN B 99 9.56 -8.05 -14.39
C ASN B 99 10.15 -6.71 -14.83
N LEU B 100 11.48 -6.61 -14.78
CA LEU B 100 12.20 -5.42 -15.24
C LEU B 100 12.80 -5.70 -16.61
N ASN B 101 12.48 -4.85 -17.58
CA ASN B 101 13.07 -4.90 -18.93
C ASN B 101 14.10 -3.78 -19.01
N LEU B 102 15.37 -4.15 -19.15
CA LEU B 102 16.47 -3.19 -19.18
C LEU B 102 17.15 -3.13 -20.54
N ASP B 103 16.53 -3.66 -21.59
CA ASP B 103 17.20 -3.75 -22.87
C ASP B 103 17.41 -2.38 -23.51
N ILE B 104 16.53 -1.42 -23.23
CA ILE B 104 16.73 -0.08 -23.76
C ILE B 104 18.00 0.54 -23.19
N LEU B 105 18.21 0.37 -21.88
CA LEU B 105 19.47 0.80 -21.28
C LEU B 105 20.63 -0.09 -21.71
N ALA B 106 20.37 -1.38 -21.95
CA ALA B 106 21.43 -2.26 -22.43
C ALA B 106 21.88 -1.86 -23.83
N THR B 107 20.95 -1.41 -24.67
CA THR B 107 21.31 -0.97 -26.02
C THR B 107 22.10 0.33 -25.98
N PHE B 108 21.72 1.26 -25.10
CA PHE B 108 22.39 2.55 -25.03
C PHE B 108 23.82 2.42 -24.52
N LEU B 109 24.03 1.54 -23.55
CA LEU B 109 25.35 1.36 -22.94
C LEU B 109 26.18 0.29 -23.63
N ALA B 110 25.73 -0.23 -24.77
CA ALA B 110 26.43 -1.33 -25.42
C ALA B 110 27.71 -0.85 -26.09
N GLY B 111 28.61 -1.79 -26.35
CA GLY B 111 29.88 -1.48 -26.97
C GLY B 111 30.91 -1.00 -25.97
N ASN B 112 31.95 -0.35 -26.50
CA ASN B 112 32.99 0.26 -25.67
C ASN B 112 32.51 1.66 -25.29
N PHE B 113 31.59 1.69 -24.33
CA PHE B 113 30.96 2.94 -23.92
C PHE B 113 32.00 3.90 -23.35
N ASP B 114 31.98 5.14 -23.84
CA ASP B 114 32.93 6.17 -23.42
C ASP B 114 32.36 6.85 -22.17
N TYR B 115 32.81 6.39 -21.00
CA TYR B 115 32.29 6.94 -19.74
C TYR B 115 32.85 8.30 -19.43
N SER B 116 33.92 8.73 -20.11
CA SER B 116 34.43 10.09 -19.90
C SER B 116 33.51 11.14 -20.51
N LYS B 117 32.59 10.73 -21.38
CA LYS B 117 31.62 11.64 -21.98
C LYS B 117 30.39 11.83 -21.12
N VAL B 118 30.26 11.08 -20.02
CA VAL B 118 29.12 11.27 -19.12
C VAL B 118 29.31 12.54 -18.33
N GLN B 119 28.21 13.24 -18.05
CA GLN B 119 28.25 14.50 -17.34
C GLN B 119 27.40 14.52 -16.07
N ASN B 120 26.35 13.71 -15.99
CA ASN B 120 25.49 13.71 -14.82
C ASN B 120 24.69 12.40 -14.79
N ILE B 121 24.50 11.87 -13.58
CA ILE B 121 23.81 10.61 -13.36
C ILE B 121 22.80 10.77 -12.24
N LEU B 122 21.61 10.20 -12.42
CA LEU B 122 20.58 10.21 -11.40
C LEU B 122 19.81 8.90 -11.43
N ALA B 123 19.53 8.36 -10.25
CA ALA B 123 18.75 7.14 -10.10
C ALA B 123 17.62 7.42 -9.12
N GLY B 124 16.43 6.89 -9.42
CA GLY B 124 15.29 7.21 -8.57
C GLY B 124 14.18 6.21 -8.67
N ILE B 125 13.08 6.54 -7.99
CA ILE B 125 11.91 5.66 -7.89
C ILE B 125 10.65 6.50 -7.96
N ASP B 126 9.58 5.90 -8.48
CA ASP B 126 8.23 6.46 -8.45
C ASP B 126 7.29 5.28 -8.21
N LEU B 127 6.96 5.05 -6.94
CA LEU B 127 6.25 3.84 -6.55
C LEU B 127 4.77 4.11 -6.35
N ARG B 128 3.96 3.08 -6.61
CA ARG B 128 2.52 3.15 -6.51
C ARG B 128 2.00 1.97 -5.68
N GLN B 129 0.71 2.02 -5.35
CA GLN B 129 0.10 0.90 -4.64
C GLN B 129 0.01 -0.34 -5.52
N ASN B 130 -0.26 -0.15 -6.81
CA ASN B 130 -0.20 -1.25 -7.76
C ASN B 130 1.25 -1.49 -8.15
N LEU B 131 1.71 -2.74 -8.01
CA LEU B 131 3.11 -3.05 -8.26
C LEU B 131 3.49 -2.76 -9.70
N GLY B 132 2.61 -3.08 -10.65
CA GLY B 132 2.91 -2.88 -12.06
C GLY B 132 3.00 -1.43 -12.49
N GLU B 133 2.42 -0.52 -11.71
CA GLU B 133 2.45 0.90 -12.02
C GLU B 133 3.65 1.62 -11.41
N SER B 134 4.39 0.97 -10.52
CA SER B 134 5.62 1.56 -10.01
C SER B 134 6.72 1.46 -11.06
N LYS B 135 7.68 2.37 -10.96
CA LYS B 135 8.78 2.41 -11.93
C LYS B 135 10.06 2.87 -11.25
N LEU B 136 11.17 2.32 -11.72
CA LEU B 136 12.51 2.77 -11.37
C LEU B 136 13.03 3.67 -12.48
N LYS B 137 13.91 4.60 -12.13
CA LYS B 137 14.37 5.61 -13.07
C LYS B 137 15.88 5.67 -13.08
N LEU B 138 16.44 5.99 -14.26
CA LEU B 138 17.85 6.26 -14.41
C LEU B 138 18.01 7.35 -15.46
N PHE B 139 18.68 8.44 -15.08
CA PHE B 139 18.91 9.57 -15.96
C PHE B 139 20.40 9.71 -16.22
N ILE B 140 20.78 9.89 -17.48
CA ILE B 140 22.17 10.05 -17.87
C ILE B 140 22.27 11.25 -18.80
N ARG B 141 23.17 12.18 -18.48
CA ARG B 141 23.51 13.27 -19.37
C ARG B 141 24.87 13.01 -19.99
N ILE B 142 24.93 13.08 -21.32
CA ILE B 142 26.18 12.88 -22.06
C ILE B 142 26.46 14.13 -22.88
N GLY B 143 27.75 14.35 -23.16
CA GLY B 143 28.16 15.52 -23.92
C GLY B 143 29.15 15.25 -25.03
N ASP B 144 28.88 15.81 -26.21
CA ASP B 144 29.75 15.66 -27.38
C ASP B 144 30.07 14.18 -27.63
N TYR B 145 29.02 13.38 -27.72
CA TYR B 145 29.11 11.93 -27.90
C TYR B 145 28.25 11.54 -29.09
N PRO B 146 28.70 11.84 -30.31
CA PRO B 146 27.81 11.73 -31.48
C PRO B 146 27.29 10.32 -31.72
N ALA B 147 28.10 9.30 -31.46
CA ALA B 147 27.66 7.93 -31.73
C ALA B 147 26.52 7.51 -30.81
N LYS B 148 26.62 7.84 -29.52
CA LYS B 148 25.60 7.46 -28.55
C LYS B 148 24.43 8.43 -28.49
N MET B 149 24.63 9.69 -28.89
CA MET B 149 23.48 10.58 -29.03
C MET B 149 22.59 10.12 -30.18
N ALA B 150 23.18 9.54 -31.22
CA ALA B 150 22.39 8.96 -32.30
C ALA B 150 21.61 7.75 -31.82
N VAL B 151 22.20 6.95 -30.93
CA VAL B 151 21.51 5.78 -30.39
C VAL B 151 20.28 6.22 -29.60
N ALA B 152 20.45 7.18 -28.70
CA ALA B 152 19.33 7.66 -27.90
C ALA B 152 18.27 8.31 -28.77
N LYS B 153 18.69 9.05 -29.80
CA LYS B 153 17.73 9.64 -30.73
C LYS B 153 16.91 8.56 -31.43
N HIS B 154 17.59 7.52 -31.92
CA HIS B 154 16.89 6.42 -32.57
C HIS B 154 15.95 5.70 -31.61
N LEU B 155 16.35 5.56 -30.35
CA LEU B 155 15.53 4.86 -29.37
C LEU B 155 14.27 5.62 -29.03
N CYS B 156 14.30 6.95 -29.11
CA CYS B 156 13.16 7.78 -28.77
C CYS B 156 12.21 8.02 -29.94
N ASN B 157 12.52 7.48 -31.12
CA ASN B 157 11.77 7.77 -32.34
C ASN B 157 11.64 9.27 -32.52
N ILE B 158 12.79 9.94 -32.58
CA ILE B 158 12.83 11.40 -32.54
C ILE B 158 12.15 11.95 -33.78
N THR B 159 11.10 12.74 -33.56
CA THR B 159 10.44 13.38 -34.68
C THR B 159 11.21 14.65 -35.08
N PRO B 160 11.24 14.97 -36.38
CA PRO B 160 12.06 16.11 -36.84
C PRO B 160 11.80 17.41 -36.09
N GLU B 161 10.55 17.78 -35.86
CA GLU B 161 10.24 19.00 -35.12
C GLU B 161 10.71 18.93 -33.67
N SER B 162 11.02 17.75 -33.16
CA SER B 162 11.60 17.62 -31.83
C SER B 162 13.12 17.64 -31.85
N GLU B 163 13.74 17.36 -33.01
CA GLU B 163 15.18 17.53 -33.14
C GLU B 163 15.58 18.98 -32.97
N ALA B 164 14.69 19.91 -33.33
CA ALA B 164 14.92 21.35 -33.20
C ALA B 164 15.00 21.80 -31.75
N MET B 165 14.74 20.93 -30.79
CA MET B 165 14.83 21.27 -29.38
C MET B 165 16.16 20.86 -28.75
N LEU B 166 16.79 19.81 -29.26
CA LEU B 166 18.04 19.31 -28.70
C LEU B 166 19.20 20.19 -29.11
N ARG B 167 20.23 20.24 -28.26
CA ARG B 167 21.45 20.95 -28.55
C ARG B 167 22.53 19.98 -29.02
N SER B 168 23.55 20.52 -29.70
CA SER B 168 24.46 19.69 -30.46
C SER B 168 25.43 18.92 -29.57
N ASP B 169 25.76 19.45 -28.40
CA ASP B 169 26.83 18.88 -27.57
C ASP B 169 26.35 18.36 -26.22
N THR B 170 25.04 18.19 -26.02
CA THR B 170 24.53 17.66 -24.77
C THR B 170 23.20 16.98 -25.02
N LEU B 171 22.89 15.97 -24.20
CA LEU B 171 21.63 15.24 -24.32
C LEU B 171 21.28 14.64 -22.96
N HIS B 172 20.18 15.10 -22.37
CA HIS B 172 19.71 14.57 -21.09
C HIS B 172 18.71 13.46 -21.37
N ILE B 173 19.10 12.23 -21.04
CA ILE B 173 18.34 11.04 -21.37
C ILE B 173 17.81 10.40 -20.09
N GLY B 174 16.53 10.07 -20.08
CA GLY B 174 15.90 9.45 -18.93
C GLY B 174 15.32 8.11 -19.30
N PHE B 175 15.49 7.13 -18.42
CA PHE B 175 14.97 5.78 -18.61
C PHE B 175 13.91 5.48 -17.57
N ASP B 176 12.83 4.84 -17.99
CA ASP B 176 11.76 4.40 -17.11
C ASP B 176 11.66 2.89 -17.17
N PHE B 177 11.61 2.25 -16.00
CA PHE B 177 11.51 0.79 -15.90
C PHE B 177 10.35 0.44 -14.98
N TYR B 178 9.19 0.19 -15.57
CA TYR B 178 8.04 -0.24 -14.78
C TYR B 178 8.22 -1.69 -14.33
N LEU B 179 7.65 -2.01 -13.17
CA LEU B 179 7.85 -3.32 -12.58
C LEU B 179 7.07 -4.42 -13.28
N ASP B 180 6.29 -4.11 -14.30
CA ASP B 180 5.52 -5.11 -15.03
C ASP B 180 6.12 -5.42 -16.40
N GLY B 181 7.29 -4.86 -16.72
CA GLY B 181 7.97 -5.12 -17.98
C GLY B 181 7.99 -3.93 -18.92
N ARG B 182 7.08 -2.97 -18.75
CA ARG B 182 7.08 -1.79 -19.60
C ARG B 182 8.32 -0.94 -19.34
N SER B 183 8.83 -0.33 -20.41
CA SER B 183 10.02 0.49 -20.33
C SER B 183 9.91 1.62 -21.34
N ALA B 184 10.58 2.73 -21.04
CA ALA B 184 10.50 3.91 -21.89
C ALA B 184 11.79 4.72 -21.76
N ILE B 185 12.02 5.55 -22.77
CA ILE B 185 13.16 6.46 -22.82
C ILE B 185 12.69 7.78 -23.43
N GLU B 186 13.22 8.89 -22.93
CA GLU B 186 12.81 10.18 -23.46
C GLU B 186 13.92 11.20 -23.24
N LEU B 187 13.91 12.23 -24.07
CA LEU B 187 14.93 13.28 -24.05
C LEU B 187 14.40 14.53 -23.37
N TYR B 188 15.31 15.26 -22.71
CA TYR B 188 14.97 16.46 -21.94
C TYR B 188 15.80 17.63 -22.45
N PRO B 189 15.36 18.32 -23.49
CA PRO B 189 16.01 19.59 -23.87
C PRO B 189 15.97 20.56 -22.71
N GLU B 190 16.99 21.42 -22.64
CA GLU B 190 17.13 22.32 -21.50
C GLU B 190 17.73 23.63 -21.95
N LEU B 191 17.38 24.69 -21.24
CA LEU B 191 17.95 26.02 -21.44
C LEU B 191 18.39 26.57 -20.10
N LYS B 192 19.58 27.17 -20.07
CA LYS B 192 20.04 27.88 -18.89
C LYS B 192 19.57 29.34 -18.95
N LYS B 193 19.68 30.03 -17.82
CA LYS B 193 19.10 31.36 -17.71
C LYS B 193 19.74 32.33 -18.71
N ASP B 194 21.05 32.22 -18.92
CA ASP B 194 21.70 33.05 -19.92
C ASP B 194 21.16 32.80 -21.32
N GLU B 195 20.50 31.66 -21.55
CA GLU B 195 19.97 31.34 -22.86
C GLU B 195 18.54 31.83 -23.03
N PHE B 196 17.62 31.40 -22.17
CA PHE B 196 16.22 31.74 -22.37
C PHE B 196 15.89 33.19 -21.99
N ASN B 197 16.85 33.92 -21.41
CA ASN B 197 16.68 35.36 -21.19
C ASN B 197 17.35 36.20 -22.24
N HIS B 198 18.20 35.62 -23.08
CA HIS B 198 18.78 36.35 -24.19
C HIS B 198 17.70 36.63 -25.23
N PRO B 199 17.61 37.86 -25.75
CA PRO B 199 16.51 38.19 -26.66
C PRO B 199 16.44 37.33 -27.92
N PHE B 200 17.58 36.85 -28.42
CA PHE B 200 17.57 36.01 -29.61
C PHE B 200 16.81 34.72 -29.38
N ILE B 201 16.92 34.14 -28.18
CA ILE B 201 16.22 32.90 -27.87
C ILE B 201 14.83 33.17 -27.28
N TYR B 202 14.71 34.22 -26.46
CA TYR B 202 13.42 34.50 -25.83
C TYR B 202 12.38 34.96 -26.84
N ASN B 203 12.81 35.66 -27.91
CA ASN B 203 11.86 36.15 -28.90
C ASN B 203 11.19 34.99 -29.63
N GLN B 204 11.98 34.05 -30.15
CA GLN B 204 11.40 32.89 -30.83
C GLN B 204 10.75 31.93 -29.86
N LEU B 205 11.03 32.04 -28.56
CA LEU B 205 10.28 31.28 -27.57
C LEU B 205 8.87 31.83 -27.42
N LYS B 206 8.68 33.12 -27.66
CA LYS B 206 7.34 33.70 -27.61
C LYS B 206 6.41 33.13 -28.67
N THR B 207 6.97 32.52 -29.71
CA THR B 207 6.14 31.93 -30.76
C THR B 207 5.68 30.52 -30.38
N ILE B 208 6.61 29.68 -29.94
CA ILE B 208 6.27 28.28 -29.68
C ILE B 208 5.65 28.07 -28.30
N LEU B 209 5.80 29.02 -27.39
CA LEU B 209 5.27 28.89 -26.04
C LEU B 209 4.32 30.02 -25.73
N SER B 210 3.30 29.72 -24.92
CA SER B 210 2.32 30.72 -24.53
C SER B 210 2.95 31.73 -23.59
N PRO B 211 2.39 32.95 -23.52
CA PRO B 211 2.93 33.95 -22.58
C PRO B 211 2.77 33.53 -21.12
N GLU B 212 1.78 32.70 -20.80
CA GLU B 212 1.60 32.24 -19.43
C GLU B 212 2.72 31.29 -19.02
N ALA B 213 3.16 30.43 -19.94
CA ALA B 213 4.26 29.53 -19.62
C ALA B 213 5.57 30.29 -19.48
N LEU B 214 5.68 31.46 -20.10
CA LEU B 214 6.89 32.27 -20.04
C LEU B 214 6.95 33.16 -18.79
N LYS B 215 5.80 33.39 -18.13
CA LYS B 215 5.77 34.28 -16.97
C LYS B 215 6.71 33.86 -15.83
N PRO B 216 6.87 32.57 -15.50
CA PRO B 216 7.76 32.21 -14.39
C PRO B 216 9.25 32.29 -14.71
N LEU B 217 9.62 32.62 -15.95
CA LEU B 217 11.05 32.60 -16.31
C LEU B 217 11.93 33.58 -15.54
N PRO B 218 11.47 34.78 -15.15
CA PRO B 218 12.32 35.63 -14.31
C PRO B 218 12.81 34.97 -13.02
N LEU B 219 12.08 33.99 -12.49
CA LEU B 219 12.46 33.33 -11.25
C LEU B 219 13.37 32.13 -11.44
N CYS B 220 13.63 31.74 -12.69
CA CYS B 220 14.27 30.46 -12.98
C CYS B 220 15.72 30.66 -13.40
N ASN B 221 16.53 29.65 -13.09
CA ASN B 221 17.86 29.48 -13.67
C ASN B 221 17.93 28.27 -14.59
N LEU B 222 16.82 27.53 -14.73
CA LEU B 222 16.76 26.35 -15.58
C LEU B 222 15.35 26.18 -16.11
N PHE B 223 15.22 25.98 -17.42
CA PHE B 223 13.94 25.71 -18.06
C PHE B 223 14.15 24.63 -19.11
N GLY B 224 13.27 23.63 -19.10
CA GLY B 224 13.42 22.49 -19.98
C GLY B 224 12.08 21.89 -20.35
N ILE B 225 12.12 20.92 -21.26
CA ILE B 225 10.94 20.22 -21.74
C ILE B 225 11.20 18.73 -21.69
N GLY B 226 10.26 17.97 -21.14
CA GLY B 226 10.30 16.53 -21.23
C GLY B 226 9.55 16.04 -22.45
N LEU B 227 10.24 15.41 -23.39
CA LEU B 227 9.63 14.99 -24.63
C LEU B 227 9.00 13.60 -24.49
N ALA B 233 1.30 14.64 -23.60
CA ALA B 233 1.68 16.02 -23.90
C ALA B 233 3.02 16.35 -23.26
N ASN B 234 3.74 17.29 -23.87
CA ASN B 234 5.03 17.69 -23.33
C ASN B 234 4.87 18.35 -21.97
N VAL B 235 5.84 18.11 -21.08
CA VAL B 235 5.84 18.66 -19.73
C VAL B 235 6.94 19.70 -19.64
N LEU B 236 6.60 20.86 -19.09
CA LEU B 236 7.56 21.93 -18.90
C LEU B 236 8.16 21.85 -17.50
N TYR B 237 9.48 22.02 -17.42
CA TYR B 237 10.21 21.99 -16.16
C TYR B 237 10.72 23.38 -15.83
N TYR B 238 10.52 23.81 -14.59
CA TYR B 238 10.99 25.09 -14.09
C TYR B 238 11.94 24.84 -12.93
N GLY B 239 13.17 25.31 -13.06
CA GLY B 239 14.12 25.24 -11.97
C GLY B 239 14.20 26.56 -11.22
N LEU B 240 13.38 26.71 -10.18
CA LEU B 240 13.32 27.96 -9.44
C LEU B 240 14.60 28.16 -8.63
N GLU B 241 15.12 29.38 -8.64
CA GLU B 241 16.27 29.70 -7.79
C GLU B 241 15.86 29.81 -6.33
N ASN B 242 14.63 30.27 -6.07
CA ASN B 242 14.20 30.60 -4.72
C ASN B 242 12.83 29.97 -4.48
N ILE B 243 12.73 29.15 -3.43
CA ILE B 243 11.48 28.47 -3.14
C ILE B 243 10.40 29.47 -2.70
N GLU B 244 10.82 30.62 -2.14
CA GLU B 244 9.86 31.61 -1.66
C GLU B 244 9.07 32.26 -2.79
N ASP B 245 9.56 32.19 -4.03
CA ASP B 245 8.90 32.79 -5.17
C ASP B 245 7.85 31.89 -5.81
N PHE B 246 7.68 30.66 -5.30
CA PHE B 246 6.88 29.67 -6.01
C PHE B 246 5.40 30.03 -6.01
N LEU B 247 4.82 30.24 -4.83
CA LEU B 247 3.37 30.40 -4.71
C LEU B 247 2.85 31.63 -5.44
N SER B 248 3.71 32.57 -5.80
CA SER B 248 3.25 33.76 -6.52
C SER B 248 2.92 33.44 -7.98
N TYR B 249 3.75 32.63 -8.63
CA TYR B 249 3.60 32.34 -10.05
C TYR B 249 3.03 30.95 -10.32
N PHE B 250 2.66 30.21 -9.27
CA PHE B 250 2.12 28.86 -9.43
C PHE B 250 0.96 28.67 -8.46
N PRO B 251 -0.26 28.99 -8.88
CA PRO B 251 -1.44 28.81 -8.00
C PRO B 251 -1.87 27.35 -7.88
N ILE B 252 -1.09 26.58 -7.15
CA ILE B 252 -1.35 25.16 -7.00
C ILE B 252 -2.51 24.95 -6.02
N ASN B 253 -3.15 23.78 -6.12
CA ASN B 253 -4.28 23.47 -5.27
C ASN B 253 -3.80 23.09 -3.86
N ASP B 254 -4.75 22.71 -3.01
CA ASP B 254 -4.43 22.45 -1.61
C ASP B 254 -3.76 21.09 -1.42
N THR B 255 -4.03 20.13 -2.30
CA THR B 255 -3.32 18.86 -2.24
C THR B 255 -1.83 19.07 -2.49
N ALA B 256 -1.48 19.88 -3.50
CA ALA B 256 -0.08 20.17 -3.74
C ALA B 256 0.45 21.17 -2.73
N ARG B 257 -0.40 22.06 -2.21
CA ARG B 257 0.03 23.01 -1.18
C ARG B 257 0.51 22.29 0.07
N ARG B 258 -0.05 21.12 0.37
CA ARG B 258 0.40 20.34 1.52
C ARG B 258 1.86 19.94 1.39
N VAL B 259 2.28 19.56 0.19
CA VAL B 259 3.68 19.18 -0.03
C VAL B 259 4.58 20.42 0.04
N HIS B 260 4.15 21.52 -0.58
CA HIS B 260 5.00 22.71 -0.62
C HIS B 260 5.13 23.35 0.76
N ASP B 261 4.05 23.36 1.54
CA ASP B 261 4.13 23.93 2.88
C ASP B 261 5.10 23.14 3.75
N PHE B 262 5.12 21.81 3.59
CA PHE B 262 6.03 20.98 4.37
C PHE B 262 7.48 21.33 4.09
N TYR B 263 7.84 21.50 2.81
CA TYR B 263 9.23 21.75 2.45
C TYR B 263 9.65 23.21 2.56
N LEU B 264 8.70 24.12 2.82
CA LEU B 264 9.08 25.46 3.23
C LEU B 264 9.72 25.46 4.61
N GLN B 265 9.46 24.43 5.42
CA GLN B 265 9.96 24.34 6.77
C GLN B 265 11.12 23.37 6.94
N GLN B 266 11.46 22.61 5.90
CA GLN B 266 12.49 21.59 6.00
C GLN B 266 13.85 22.15 5.62
N GLU B 267 14.89 21.62 6.25
CA GLU B 267 16.26 21.98 5.90
C GLU B 267 16.62 21.42 4.54
N GLY B 268 17.17 22.26 3.68
CA GLY B 268 17.54 21.82 2.34
C GLY B 268 17.84 23.02 1.47
N SER B 269 18.07 22.72 0.19
CA SER B 269 18.37 23.77 -0.77
C SER B 269 17.19 24.71 -0.94
N ARG B 270 17.49 25.98 -1.18
CA ARG B 270 16.46 26.97 -1.42
C ARG B 270 15.84 26.85 -2.81
N ARG B 271 16.40 26.02 -3.68
CA ARG B 271 15.90 25.84 -5.03
C ARG B 271 14.96 24.65 -5.09
N MET B 272 14.00 24.74 -6.01
CA MET B 272 13.02 23.68 -6.21
C MET B 272 12.75 23.53 -7.69
N THR B 273 11.95 22.51 -8.04
CA THR B 273 11.58 22.23 -9.41
C THR B 273 10.10 21.90 -9.49
N VAL B 274 9.41 22.51 -10.45
CA VAL B 274 8.00 22.22 -10.73
C VAL B 274 7.89 21.73 -12.17
N ALA B 275 7.15 20.65 -12.36
CA ALA B 275 6.95 20.05 -13.68
C ALA B 275 5.45 19.92 -13.93
N LEU B 276 4.99 20.42 -15.08
CA LEU B 276 3.57 20.44 -15.39
C LEU B 276 3.40 20.75 -16.87
N SER B 277 2.25 20.38 -17.41
CA SER B 277 1.96 20.65 -18.81
C SER B 277 1.64 22.13 -19.03
N GLU B 278 1.75 22.56 -20.28
CA GLU B 278 1.49 23.96 -20.60
C GLU B 278 0.03 24.32 -20.39
N SER B 279 -0.88 23.35 -20.49
CA SER B 279 -2.28 23.62 -20.22
C SER B 279 -2.51 24.00 -18.77
N GLU B 280 -1.73 23.44 -17.85
CA GLU B 280 -1.86 23.78 -16.44
C GLU B 280 -1.38 25.20 -16.17
N MET B 281 -0.43 25.70 -16.96
CA MET B 281 0.02 27.08 -16.81
C MET B 281 -1.09 28.06 -17.19
N LYS B 282 -1.82 27.76 -18.26
CA LYS B 282 -2.94 28.61 -18.70
C LYS B 282 -4.18 28.42 -17.85
N ALA B 283 -4.10 27.63 -16.78
CA ALA B 283 -5.26 27.39 -15.91
C ALA B 283 -5.23 28.34 -14.73
N GLY B 284 -6.42 28.62 -14.19
CA GLY B 284 -6.51 29.49 -13.03
C GLY B 284 -5.87 28.87 -11.79
N ARG B 285 -6.14 27.58 -11.55
CA ARG B 285 -5.47 26.82 -10.52
C ARG B 285 -4.69 25.68 -11.16
N ILE B 286 -3.68 25.19 -10.44
CA ILE B 286 -2.85 24.10 -10.92
C ILE B 286 -3.27 22.83 -10.20
N ASN B 287 -3.81 21.87 -10.97
CA ASN B 287 -4.32 20.63 -10.40
C ASN B 287 -3.42 19.43 -10.63
N ASN B 288 -2.66 19.40 -11.72
CA ASN B 288 -1.75 18.31 -12.04
C ASN B 288 -0.34 18.87 -12.11
N VAL B 289 0.51 18.49 -11.16
CA VAL B 289 1.81 19.12 -11.01
C VAL B 289 2.76 18.17 -10.29
N ASN B 290 4.04 18.24 -10.63
CA ASN B 290 5.10 17.58 -9.90
C ASN B 290 5.92 18.63 -9.15
N LEU B 291 6.28 18.32 -7.91
CA LEU B 291 7.09 19.20 -7.08
C LEU B 291 8.34 18.46 -6.64
N TYR B 292 9.49 19.12 -6.78
CA TYR B 292 10.78 18.52 -6.45
C TYR B 292 11.51 19.40 -5.45
N TYR B 293 11.99 18.81 -4.36
CA TYR B 293 12.78 19.48 -3.35
C TYR B 293 13.99 18.61 -3.02
N SER B 294 15.11 19.26 -2.69
CA SER B 294 16.38 18.56 -2.59
C SER B 294 17.18 19.05 -1.40
N LYS B 295 18.16 18.23 -1.01
CA LYS B 295 19.13 18.55 0.04
C LYS B 295 20.46 17.90 -0.34
N ALA B 296 21.52 18.69 -0.36
CA ALA B 296 22.82 18.18 -0.77
C ALA B 296 23.54 17.52 0.41
N PHE B 297 24.36 16.52 0.08
CA PHE B 297 25.14 15.78 1.07
C PHE B 297 26.57 15.68 0.56
N THR B 298 27.44 16.57 1.01
CA THR B 298 28.83 16.61 0.59
C THR B 298 29.74 16.40 1.79
N SER B 299 30.90 15.80 1.55
CA SER B 299 31.88 15.57 2.59
C SER B 299 32.73 16.80 2.83
N GLN B 300 33.18 16.97 4.06
CA GLN B 300 34.08 18.06 4.39
C GLN B 300 35.53 17.62 4.25
#